data_1CKJ
#
_entry.id   1CKJ
#
_cell.length_a   106.740
_cell.length_b   115.470
_cell.length_c   60.600
_cell.angle_alpha   90.00
_cell.angle_beta   90.00
_cell.angle_gamma   90.00
#
_symmetry.space_group_name_H-M   'P 21 21 21'
#
loop_
_entity.id
_entity.type
_entity.pdbx_description
1 polymer 'RECOMBINANT CASEIN KINASE I DELTA'
2 non-polymer TUNGSTATE(VI)ION
3 water water
#
_entity_poly.entity_id   1
_entity_poly.type   'polypeptide(L)'
_entity_poly.pdbx_seq_one_letter_code
;MELRVGNRYRLGRKIGSGSFGDIYLGTDIAAGEEVAIKLECVKTKHPQLHIESKIYKMMQGGVGIPTIRWCGAEGDYNVM
VMELLGPSLEDLFNFCSRKFSLKTVLLLADQMISRIEYIHSKNFIHRDVKPDNFLMGLGKKGNLVYIIDFGLAKKYRDAR
THQHIPYRENKNLTGTARYASINTHLGIEQSRRDDLESLGYVLMYFNLGSLPWQGLKAATKRQKYERISEKKMSTPIEVL
CKGYPSEFATYLNFCRSLRFDDKPDYSYLRQLFRNLFHRQGFSYDYVFDWNMLKFGASRAADDAERERRDREERLRH
;
_entity_poly.pdbx_strand_id   A,B
#
# COMPACT_ATOMS: atom_id res chain seq x y z
N MET A 1 0.21 53.23 -5.87
CA MET A 1 1.62 52.95 -6.27
C MET A 1 1.77 51.49 -6.68
N GLU A 2 2.98 51.13 -7.10
CA GLU A 2 3.27 49.76 -7.52
C GLU A 2 3.60 48.89 -6.31
N LEU A 3 3.32 47.60 -6.42
CA LEU A 3 3.55 46.65 -5.33
C LEU A 3 4.83 45.85 -5.57
N ARG A 4 5.79 45.96 -4.66
CA ARG A 4 7.06 45.26 -4.81
C ARG A 4 7.51 44.50 -3.57
N VAL A 5 7.50 43.18 -3.68
CA VAL A 5 7.89 42.29 -2.59
C VAL A 5 9.42 42.22 -2.49
N GLY A 6 9.91 42.14 -1.26
CA GLY A 6 11.34 42.12 -1.04
C GLY A 6 11.77 43.56 -1.24
N ASN A 7 12.20 43.87 -2.46
CA ASN A 7 12.64 45.21 -2.85
C ASN A 7 12.72 45.15 -4.37
N ARG A 8 13.45 44.12 -4.81
CA ARG A 8 13.69 43.85 -6.22
C ARG A 8 12.59 43.13 -7.00
N TYR A 9 11.68 42.45 -6.30
CA TYR A 9 10.63 41.68 -6.97
C TYR A 9 9.27 42.35 -7.16
N ARG A 10 9.06 42.91 -8.34
CA ARG A 10 7.81 43.58 -8.68
C ARG A 10 6.74 42.50 -8.81
N LEU A 11 5.71 42.57 -7.97
CA LEU A 11 4.62 41.58 -7.99
C LEU A 11 3.78 41.76 -9.24
N GLY A 12 3.11 40.71 -9.67
CA GLY A 12 2.29 40.80 -10.87
C GLY A 12 1.03 39.97 -10.82
N ARG A 13 0.59 39.56 -12.01
CA ARG A 13 -0.62 38.77 -12.18
C ARG A 13 -0.55 37.41 -11.49
N LYS A 14 -1.71 36.89 -11.07
CA LYS A 14 -1.77 35.58 -10.44
C LYS A 14 -1.86 34.60 -11.60
N ILE A 15 -0.72 33.97 -11.90
CA ILE A 15 -0.62 33.04 -13.01
C ILE A 15 -1.08 31.62 -12.69
N GLY A 16 -1.28 31.31 -11.42
CA GLY A 16 -1.72 29.97 -11.07
C GLY A 16 -1.65 29.66 -9.59
N SER A 17 -1.87 28.40 -9.25
CA SER A 17 -1.85 27.95 -7.85
C SER A 17 -1.18 26.59 -7.71
N GLY A 18 -0.54 26.38 -6.57
CA GLY A 18 0.13 25.12 -6.29
C GLY A 18 -0.36 24.58 -4.95
N SER A 19 0.45 23.73 -4.33
CA SER A 19 0.11 23.12 -3.04
C SER A 19 0.03 24.10 -1.88
N PHE A 20 1.13 24.83 -1.64
CA PHE A 20 1.19 25.78 -0.54
C PHE A 20 0.61 27.16 -0.83
N GLY A 21 -0.31 27.24 -1.76
CA GLY A 21 -0.89 28.53 -2.06
C GLY A 21 -0.89 28.93 -3.50
N ASP A 22 -0.83 30.23 -3.74
CA ASP A 22 -0.86 30.78 -5.08
C ASP A 22 0.51 31.11 -5.64
N ILE A 23 0.57 31.12 -6.96
CA ILE A 23 1.79 31.42 -7.69
C ILE A 23 1.52 32.65 -8.50
N TYR A 24 2.32 33.69 -8.25
CA TYR A 24 2.19 34.98 -8.92
C TYR A 24 3.39 35.22 -9.84
N LEU A 25 3.16 35.98 -10.90
CA LEU A 25 4.20 36.31 -11.84
C LEU A 25 4.87 37.51 -11.22
N GLY A 26 6.19 37.56 -11.24
CA GLY A 26 6.89 38.68 -10.67
C GLY A 26 8.06 39.06 -11.54
N THR A 27 8.70 40.18 -11.24
CA THR A 27 9.85 40.63 -12.01
C THR A 27 10.95 41.12 -11.08
N ASP A 28 12.16 40.62 -11.30
CA ASP A 28 13.31 41.04 -10.52
C ASP A 28 13.76 42.30 -11.22
N ILE A 29 13.23 43.44 -10.78
CA ILE A 29 13.57 44.73 -11.39
C ILE A 29 15.08 45.04 -11.40
N ALA A 30 15.77 44.65 -10.33
CA ALA A 30 17.20 44.87 -10.23
C ALA A 30 18.01 43.93 -11.12
N ALA A 31 17.30 43.17 -11.96
CA ALA A 31 17.96 42.22 -12.87
C ALA A 31 17.15 42.06 -14.16
N GLY A 32 15.94 42.62 -14.18
CA GLY A 32 15.09 42.51 -15.34
C GLY A 32 14.76 41.08 -15.71
N GLU A 33 14.62 40.21 -14.72
CA GLU A 33 14.30 38.81 -14.98
C GLU A 33 12.88 38.51 -14.52
N GLU A 34 12.06 37.97 -15.40
CA GLU A 34 10.70 37.60 -15.02
C GLU A 34 10.87 36.35 -14.20
N VAL A 35 10.28 36.33 -13.01
CA VAL A 35 10.40 35.18 -12.10
C VAL A 35 9.02 34.74 -11.63
N ALA A 36 8.98 33.72 -10.77
CA ALA A 36 7.74 33.21 -10.22
C ALA A 36 7.84 33.33 -8.71
N ILE A 37 6.90 34.04 -8.11
CA ILE A 37 6.89 34.23 -6.67
C ILE A 37 5.75 33.39 -6.15
N LYS A 38 5.98 32.63 -5.09
CA LYS A 38 4.94 31.83 -4.48
C LYS A 38 4.86 32.34 -3.05
N LEU A 39 3.66 32.73 -2.61
CA LEU A 39 3.50 33.23 -1.26
C LEU A 39 2.35 32.62 -0.45
N GLU A 40 2.72 32.11 0.72
CA GLU A 40 1.82 31.46 1.65
C GLU A 40 1.50 32.43 2.80
N CYS A 41 0.22 32.47 3.19
CA CYS A 41 -0.24 33.34 4.27
C CYS A 41 0.49 32.98 5.57
N VAL A 42 1.47 33.80 5.95
CA VAL A 42 2.29 33.60 7.15
C VAL A 42 1.74 32.56 8.11
N LYS A 43 0.65 32.88 8.80
CA LYS A 43 0.09 31.89 9.70
C LYS A 43 -1.27 31.41 9.25
N THR A 44 -1.24 30.31 8.51
CA THR A 44 -2.45 29.68 8.03
C THR A 44 -2.83 28.72 9.15
N LYS A 45 -2.11 27.60 9.25
CA LYS A 45 -2.29 26.58 10.28
C LYS A 45 -1.08 25.65 10.18
N HIS A 46 -0.70 25.30 8.96
CA HIS A 46 0.45 24.43 8.70
C HIS A 46 1.36 25.14 7.69
N PRO A 47 2.23 26.06 8.16
CA PRO A 47 3.15 26.82 7.31
C PRO A 47 4.21 25.93 6.67
N GLN A 48 3.78 25.21 5.63
CA GLN A 48 4.65 24.28 4.94
C GLN A 48 5.67 24.84 3.93
N LEU A 49 5.54 26.10 3.56
CA LEU A 49 6.44 26.68 2.55
C LEU A 49 7.91 26.74 2.91
N HIS A 50 8.24 26.92 4.18
CA HIS A 50 9.66 26.97 4.55
C HIS A 50 10.27 25.58 4.38
N ILE A 51 9.42 24.56 4.33
CA ILE A 51 9.85 23.19 4.15
C ILE A 51 10.12 22.92 2.68
N GLU A 52 9.20 23.32 1.81
CA GLU A 52 9.38 23.11 0.38
C GLU A 52 10.70 23.71 -0.08
N SER A 53 10.99 24.94 0.35
CA SER A 53 12.22 25.61 -0.03
C SER A 53 13.45 24.76 0.31
N LYS A 54 13.41 24.15 1.49
CA LYS A 54 14.49 23.29 1.96
C LYS A 54 14.75 22.21 0.95
N ILE A 55 13.68 21.54 0.51
CA ILE A 55 13.79 20.45 -0.46
C ILE A 55 14.35 20.93 -1.78
N TYR A 56 13.81 22.04 -2.30
CA TYR A 56 14.28 22.60 -3.56
C TYR A 56 15.76 22.85 -3.49
N LYS A 57 16.22 23.32 -2.33
CA LYS A 57 17.64 23.60 -2.11
C LYS A 57 18.47 22.34 -1.98
N MET A 58 17.85 21.23 -1.56
CA MET A 58 18.55 19.96 -1.45
C MET A 58 18.71 19.40 -2.87
N MET A 59 17.72 19.66 -3.72
CA MET A 59 17.69 19.20 -5.11
C MET A 59 18.45 20.14 -6.02
N GLN A 60 18.72 21.35 -5.56
CA GLN A 60 19.41 22.34 -6.37
C GLN A 60 20.63 21.74 -7.04
N GLY A 61 20.76 22.00 -8.34
CA GLY A 61 21.88 21.47 -9.10
C GLY A 61 21.45 20.35 -10.03
N GLY A 62 20.44 19.60 -9.63
CA GLY A 62 19.95 18.51 -10.45
C GLY A 62 19.41 18.98 -11.79
N VAL A 63 19.37 18.05 -12.75
CA VAL A 63 18.85 18.35 -14.09
C VAL A 63 17.34 18.44 -13.98
N GLY A 64 16.76 19.48 -14.59
CA GLY A 64 15.31 19.64 -14.58
C GLY A 64 14.64 20.05 -13.28
N ILE A 65 15.41 20.63 -12.36
CA ILE A 65 14.90 21.10 -11.06
C ILE A 65 14.97 22.63 -11.10
N PRO A 66 13.84 23.33 -10.88
CA PRO A 66 13.86 24.80 -10.91
C PRO A 66 14.81 25.43 -9.90
N THR A 67 15.50 26.47 -10.32
CA THR A 67 16.44 27.19 -9.47
C THR A 67 15.66 28.14 -8.57
N ILE A 68 16.09 28.26 -7.31
CA ILE A 68 15.46 29.16 -6.38
C ILE A 68 16.22 30.49 -6.35
N ARG A 69 15.47 31.58 -6.48
CA ARG A 69 16.01 32.93 -6.49
C ARG A 69 16.17 33.52 -5.09
N TRP A 70 15.14 33.38 -4.28
CA TRP A 70 15.15 33.96 -2.93
C TRP A 70 14.03 33.34 -2.11
N CYS A 71 14.24 33.31 -0.80
CA CYS A 71 13.26 32.78 0.13
C CYS A 71 13.26 33.82 1.24
N GLY A 72 12.11 34.11 1.83
CA GLY A 72 12.08 35.09 2.90
C GLY A 72 10.67 35.46 3.35
N ALA A 73 10.53 36.63 3.95
CA ALA A 73 9.25 37.10 4.45
C ALA A 73 9.01 38.57 4.10
N GLU A 74 7.74 38.90 3.95
CA GLU A 74 7.27 40.24 3.62
C GLU A 74 5.86 40.35 4.18
N GLY A 75 5.74 40.91 5.38
CA GLY A 75 4.46 41.08 6.03
C GLY A 75 3.77 39.77 6.37
N ASP A 76 2.48 39.66 6.00
CA ASP A 76 1.69 38.46 6.27
C ASP A 76 2.03 37.33 5.30
N TYR A 77 3.17 37.43 4.63
CA TYR A 77 3.60 36.43 3.65
C TYR A 77 5.08 36.06 3.73
N ASN A 78 5.36 34.79 3.47
CA ASN A 78 6.72 34.27 3.40
C ASN A 78 6.83 33.97 1.93
N VAL A 79 7.72 34.64 1.22
CA VAL A 79 7.80 34.42 -0.21
C VAL A 79 8.98 33.61 -0.73
N MET A 80 8.69 32.73 -1.69
CA MET A 80 9.73 31.93 -2.33
C MET A 80 9.74 32.43 -3.77
N VAL A 81 10.92 32.79 -4.24
CA VAL A 81 11.10 33.28 -5.60
C VAL A 81 11.87 32.19 -6.35
N MET A 82 11.35 31.76 -7.47
CA MET A 82 12.01 30.73 -8.26
C MET A 82 11.94 31.06 -9.74
N GLU A 83 12.77 30.36 -10.49
CA GLU A 83 12.90 30.48 -11.94
C GLU A 83 11.55 30.29 -12.66
N LEU A 84 11.15 31.26 -13.48
CA LEU A 84 9.91 31.14 -14.23
C LEU A 84 10.20 30.21 -15.40
N LEU A 85 9.35 29.20 -15.59
CA LEU A 85 9.57 28.24 -16.66
C LEU A 85 8.50 28.35 -17.75
N GLY A 86 8.50 27.39 -18.67
CA GLY A 86 7.53 27.38 -19.77
C GLY A 86 6.18 26.84 -19.34
N PRO A 87 5.34 26.43 -20.30
CA PRO A 87 4.02 25.89 -19.95
C PRO A 87 4.14 24.50 -19.32
N SER A 88 3.11 24.11 -18.58
CA SER A 88 3.07 22.80 -17.95
C SER A 88 2.64 21.84 -19.04
N LEU A 89 2.72 20.54 -18.78
CA LEU A 89 2.33 19.55 -19.77
C LEU A 89 0.81 19.54 -19.94
N GLU A 90 0.10 20.04 -18.95
CA GLU A 90 -1.35 20.11 -19.04
C GLU A 90 -1.69 21.20 -20.06
N ASP A 91 -1.06 22.38 -19.93
CA ASP A 91 -1.26 23.50 -20.84
C ASP A 91 -0.98 23.01 -22.26
N LEU A 92 0.19 22.42 -22.49
CA LEU A 92 0.57 21.91 -23.81
C LEU A 92 -0.41 20.86 -24.29
N PHE A 93 -0.95 20.06 -23.38
CA PHE A 93 -1.89 19.04 -23.77
C PHE A 93 -3.14 19.70 -24.34
N ASN A 94 -3.71 20.62 -23.59
CA ASN A 94 -4.90 21.33 -24.07
C ASN A 94 -4.59 22.07 -25.37
N PHE A 95 -3.44 22.72 -25.40
CA PHE A 95 -2.97 23.47 -26.56
C PHE A 95 -3.06 22.55 -27.76
N CYS A 96 -2.67 21.28 -27.59
CA CYS A 96 -2.73 20.30 -28.68
C CYS A 96 -4.11 19.62 -28.72
N SER A 97 -5.15 20.32 -28.27
CA SER A 97 -6.52 19.77 -28.27
C SER A 97 -6.61 18.42 -27.56
N ARG A 98 -5.82 18.28 -26.50
CA ARG A 98 -5.79 17.07 -25.70
C ARG A 98 -5.52 15.83 -26.54
N LYS A 99 -4.44 15.90 -27.32
CA LYS A 99 -4.03 14.82 -28.20
C LYS A 99 -2.52 14.75 -28.40
N PHE A 100 -1.86 13.86 -27.66
CA PHE A 100 -0.43 13.67 -27.81
C PHE A 100 -0.19 12.42 -28.67
N SER A 101 0.72 12.51 -29.62
CA SER A 101 1.05 11.38 -30.46
C SER A 101 2.03 10.48 -29.68
N LEU A 102 2.08 9.21 -30.06
CA LEU A 102 2.95 8.21 -29.43
C LEU A 102 4.39 8.70 -29.26
N LYS A 103 4.95 9.27 -30.31
CA LYS A 103 6.33 9.73 -30.25
C LYS A 103 6.54 10.74 -29.14
N THR A 104 5.60 11.69 -29.01
CA THR A 104 5.70 12.72 -27.98
C THR A 104 5.55 12.09 -26.61
N VAL A 105 4.59 11.16 -26.48
CA VAL A 105 4.41 10.48 -25.20
C VAL A 105 5.75 9.77 -24.85
N LEU A 106 6.32 9.04 -25.81
CA LEU A 106 7.59 8.32 -25.60
C LEU A 106 8.73 9.26 -25.29
N LEU A 107 8.78 10.35 -26.05
CA LEU A 107 9.80 11.38 -25.89
C LEU A 107 9.69 12.01 -24.50
N LEU A 108 8.45 12.16 -24.02
CA LEU A 108 8.20 12.77 -22.70
C LEU A 108 8.49 11.80 -21.56
N ALA A 109 7.98 10.58 -21.72
CA ALA A 109 8.11 9.49 -20.74
C ALA A 109 9.55 9.30 -20.32
N ASP A 110 10.44 9.37 -21.30
CA ASP A 110 11.86 9.20 -21.06
C ASP A 110 12.40 10.20 -20.04
N GLN A 111 11.98 11.44 -20.16
CA GLN A 111 12.43 12.47 -19.23
C GLN A 111 11.70 12.40 -17.89
N MET A 112 10.39 12.14 -17.92
CA MET A 112 9.62 12.08 -16.69
C MET A 112 10.14 11.00 -15.75
N ILE A 113 10.52 9.87 -16.30
CA ILE A 113 11.07 8.77 -15.49
C ILE A 113 12.44 9.13 -14.89
N SER A 114 13.17 10.02 -15.56
CA SER A 114 14.49 10.47 -15.11
C SER A 114 14.37 11.49 -13.98
N ARG A 115 13.35 12.37 -14.05
CA ARG A 115 13.13 13.36 -13.01
C ARG A 115 12.70 12.60 -11.77
N ILE A 116 11.84 11.61 -11.98
CA ILE A 116 11.38 10.83 -10.85
C ILE A 116 12.55 10.08 -10.24
N GLU A 117 13.36 9.46 -11.08
CA GLU A 117 14.53 8.73 -10.60
C GLU A 117 15.45 9.61 -9.74
N TYR A 118 15.62 10.87 -10.16
CA TYR A 118 16.47 11.81 -9.47
C TYR A 118 15.97 12.22 -8.08
N ILE A 119 14.69 12.47 -7.94
CA ILE A 119 14.12 12.87 -6.66
C ILE A 119 14.40 11.77 -5.65
N HIS A 120 14.22 10.53 -6.10
CA HIS A 120 14.42 9.37 -5.26
C HIS A 120 15.86 9.20 -4.83
N SER A 121 16.81 9.45 -5.73
CA SER A 121 18.23 9.32 -5.38
C SER A 121 18.60 10.26 -4.24
N LYS A 122 17.79 11.31 -4.07
CA LYS A 122 18.00 12.29 -3.01
C LYS A 122 17.15 11.99 -1.76
N ASN A 123 16.69 10.75 -1.66
CA ASN A 123 15.91 10.25 -0.54
C ASN A 123 14.45 10.69 -0.41
N PHE A 124 13.88 11.27 -1.47
CA PHE A 124 12.49 11.73 -1.42
C PHE A 124 11.55 11.11 -2.46
N ILE A 125 10.26 11.09 -2.13
CA ILE A 125 9.23 10.64 -3.04
C ILE A 125 8.45 11.93 -3.29
N HIS A 126 8.00 12.12 -4.51
CA HIS A 126 7.30 13.34 -4.86
C HIS A 126 5.88 13.35 -4.30
N ARG A 127 5.21 12.22 -4.43
CA ARG A 127 3.84 12.03 -3.94
C ARG A 127 2.68 12.68 -4.66
N ASP A 128 2.93 13.51 -5.67
CA ASP A 128 1.82 14.13 -6.41
C ASP A 128 2.19 14.34 -7.88
N VAL A 129 2.43 13.23 -8.56
CA VAL A 129 2.82 13.22 -9.96
C VAL A 129 1.65 13.40 -10.91
N LYS A 130 1.62 14.54 -11.59
CA LYS A 130 0.56 14.84 -12.53
C LYS A 130 1.12 15.74 -13.64
N PRO A 131 0.44 15.81 -14.80
CA PRO A 131 0.92 16.65 -15.90
C PRO A 131 1.16 18.13 -15.57
N ASP A 132 0.57 18.61 -14.49
CA ASP A 132 0.72 20.00 -14.08
C ASP A 132 2.05 20.23 -13.37
N ASN A 133 2.58 19.19 -12.71
CA ASN A 133 3.82 19.36 -11.97
C ASN A 133 5.10 19.13 -12.76
N PHE A 134 4.98 19.23 -14.07
CA PHE A 134 6.07 19.09 -14.99
C PHE A 134 5.94 20.27 -15.94
N LEU A 135 7.02 21.01 -16.15
CA LEU A 135 7.00 22.17 -17.03
C LEU A 135 8.14 22.09 -18.04
N MET A 136 8.00 22.76 -19.16
CA MET A 136 9.03 22.77 -20.18
C MET A 136 9.89 24.01 -19.94
N GLY A 137 11.20 23.88 -20.14
CA GLY A 137 12.08 25.03 -19.96
C GLY A 137 11.86 26.12 -20.99
N LEU A 138 12.66 27.18 -20.90
CA LEU A 138 12.54 28.31 -21.81
C LEU A 138 13.82 28.47 -22.61
N GLY A 139 13.67 28.99 -23.81
CA GLY A 139 14.81 29.22 -24.68
C GLY A 139 15.68 28.00 -24.93
N LYS A 140 16.93 28.09 -24.52
CA LYS A 140 17.91 27.02 -24.70
C LYS A 140 17.48 25.73 -24.03
N LYS A 141 16.78 25.87 -22.91
CA LYS A 141 16.32 24.73 -22.15
C LYS A 141 14.93 24.28 -22.61
N GLY A 142 14.45 24.85 -23.70
CA GLY A 142 13.13 24.53 -24.23
C GLY A 142 12.73 23.08 -24.46
N ASN A 143 13.69 22.16 -24.43
CA ASN A 143 13.36 20.77 -24.64
C ASN A 143 13.55 19.92 -23.40
N LEU A 144 13.67 20.59 -22.25
CA LEU A 144 13.91 19.89 -20.99
C LEU A 144 12.65 19.98 -20.13
N VAL A 145 12.23 18.82 -19.60
CA VAL A 145 11.07 18.74 -18.72
C VAL A 145 11.56 19.00 -17.30
N TYR A 146 10.86 19.89 -16.59
CA TYR A 146 11.17 20.26 -15.22
C TYR A 146 10.16 19.66 -14.27
N ILE A 147 10.59 19.30 -13.07
CA ILE A 147 9.65 18.76 -12.09
C ILE A 147 9.52 19.76 -10.96
N ILE A 148 8.28 20.19 -10.71
CA ILE A 148 8.03 21.18 -9.66
C ILE A 148 7.06 20.74 -8.58
N ASP A 149 6.95 21.57 -7.54
CA ASP A 149 6.04 21.37 -6.39
C ASP A 149 6.42 20.25 -5.40
N PHE A 150 7.26 20.56 -4.41
CA PHE A 150 7.63 19.53 -3.42
C PHE A 150 6.84 19.73 -2.13
N GLY A 151 5.57 20.07 -2.30
CA GLY A 151 4.70 20.29 -1.16
C GLY A 151 4.26 19.04 -0.42
N LEU A 152 3.91 18.01 -1.16
CA LEU A 152 3.49 16.75 -0.55
C LEU A 152 4.62 15.74 -0.48
N ALA A 153 5.83 16.14 -0.87
CA ALA A 153 6.98 15.26 -0.88
C ALA A 153 7.40 14.77 0.50
N LYS A 154 8.04 13.60 0.55
CA LYS A 154 8.52 13.01 1.80
C LYS A 154 9.81 12.23 1.62
N LYS A 155 10.61 12.20 2.68
CA LYS A 155 11.87 11.45 2.68
C LYS A 155 11.42 10.00 2.82
N TYR A 156 11.88 9.09 1.96
CA TYR A 156 11.44 7.71 2.06
C TYR A 156 12.48 6.78 2.68
N ARG A 157 13.62 7.32 3.08
CA ARG A 157 14.69 6.53 3.69
C ARG A 157 15.69 7.49 4.31
N ASP A 158 16.37 7.03 5.35
CA ASP A 158 17.37 7.83 6.04
C ASP A 158 18.48 8.19 5.06
N ALA A 159 18.79 9.48 4.96
CA ALA A 159 19.82 9.95 4.03
C ALA A 159 21.23 9.45 4.31
N ARG A 160 21.45 8.85 5.48
CA ARG A 160 22.76 8.33 5.85
C ARG A 160 22.77 6.82 5.86
N THR A 161 21.92 6.24 6.69
CA THR A 161 21.82 4.78 6.80
C THR A 161 21.04 4.20 5.64
N HIS A 162 20.21 5.03 5.03
CA HIS A 162 19.38 4.62 3.92
C HIS A 162 18.28 3.64 4.32
N GLN A 163 17.96 3.59 5.61
CA GLN A 163 16.92 2.70 6.09
C GLN A 163 15.54 3.23 5.69
N HIS A 164 14.85 2.43 4.89
CA HIS A 164 13.52 2.72 4.35
C HIS A 164 12.46 2.91 5.44
N ILE A 165 11.54 3.84 5.21
CA ILE A 165 10.46 4.07 6.16
C ILE A 165 9.68 2.75 6.28
N PRO A 166 9.14 2.45 7.47
CA PRO A 166 8.41 1.21 7.65
C PRO A 166 7.06 1.14 6.91
N TYR A 167 6.61 -0.08 6.66
CA TYR A 167 5.36 -0.35 5.97
C TYR A 167 4.22 -0.18 6.95
N ARG A 168 3.51 0.91 6.83
CA ARG A 168 2.39 1.21 7.72
C ARG A 168 1.32 1.90 6.91
N GLU A 169 0.24 2.30 7.56
CA GLU A 169 -0.81 3.00 6.85
C GLU A 169 -0.61 4.51 6.91
N ASN A 170 -1.04 5.16 5.85
CA ASN A 170 -0.86 6.60 5.70
C ASN A 170 -1.57 7.50 6.68
N LYS A 171 -0.80 8.44 7.20
CA LYS A 171 -1.25 9.46 8.15
C LYS A 171 -0.60 10.75 7.63
N ASN A 172 -0.91 11.11 6.38
CA ASN A 172 -0.32 12.28 5.75
C ASN A 172 -1.25 12.88 4.71
N LEU A 173 -0.72 13.77 3.87
CA LEU A 173 -1.52 14.41 2.83
C LEU A 173 -1.46 13.63 1.52
N THR A 174 -2.62 13.49 0.88
CA THR A 174 -2.72 12.75 -0.37
C THR A 174 -2.75 13.73 -1.54
N GLY A 175 -2.50 13.23 -2.75
CA GLY A 175 -2.53 14.08 -3.92
C GLY A 175 -3.79 13.90 -4.73
N THR A 176 -3.68 14.17 -6.03
CA THR A 176 -4.80 14.05 -6.95
C THR A 176 -5.28 12.60 -7.01
N ALA A 177 -6.55 12.37 -6.64
CA ALA A 177 -7.12 11.03 -6.67
C ALA A 177 -7.13 10.40 -8.06
N ARG A 178 -7.12 11.23 -9.09
CA ARG A 178 -7.15 10.77 -10.46
C ARG A 178 -5.90 9.99 -10.90
N TYR A 179 -4.71 10.42 -10.45
CA TYR A 179 -3.46 9.76 -10.81
C TYR A 179 -2.86 8.96 -9.66
N ALA A 180 -3.61 8.84 -8.56
CA ALA A 180 -3.14 8.10 -7.38
C ALA A 180 -2.98 6.60 -7.64
N SER A 181 -2.01 6.00 -6.97
CA SER A 181 -1.74 4.58 -7.10
C SER A 181 -2.78 3.81 -6.29
N ILE A 182 -2.97 2.54 -6.61
CA ILE A 182 -3.94 1.71 -5.90
C ILE A 182 -3.71 1.68 -4.38
N ASN A 183 -2.44 1.61 -3.98
CA ASN A 183 -2.07 1.58 -2.56
C ASN A 183 -2.52 2.82 -1.85
N THR A 184 -2.36 3.95 -2.51
CA THR A 184 -2.78 5.21 -1.93
C THR A 184 -4.25 5.05 -1.58
N HIS A 185 -5.01 4.47 -2.50
CA HIS A 185 -6.44 4.23 -2.31
C HIS A 185 -6.73 3.22 -1.21
N LEU A 186 -5.83 2.25 -1.04
CA LEU A 186 -5.99 1.24 0.00
C LEU A 186 -5.57 1.74 1.38
N GLY A 187 -5.08 2.98 1.43
CA GLY A 187 -4.66 3.56 2.68
C GLY A 187 -3.25 3.20 3.14
N ILE A 188 -2.40 2.75 2.21
CA ILE A 188 -1.03 2.35 2.51
C ILE A 188 -0.02 3.48 2.26
N GLU A 189 1.05 3.50 3.03
CA GLU A 189 2.08 4.51 2.88
C GLU A 189 2.66 4.44 1.47
N GLN A 190 2.93 5.60 0.89
CA GLN A 190 3.48 5.70 -0.45
C GLN A 190 5.00 5.62 -0.44
N SER A 191 5.56 5.07 -1.51
CA SER A 191 7.00 4.92 -1.64
C SER A 191 7.41 5.03 -3.12
N ARG A 192 8.67 4.74 -3.42
CA ARG A 192 9.17 4.87 -4.79
C ARG A 192 8.25 4.38 -5.89
N ARG A 193 7.76 3.17 -5.73
CA ARG A 193 6.87 2.54 -6.72
C ARG A 193 5.60 3.33 -7.03
N ASP A 194 5.04 4.00 -6.04
CA ASP A 194 3.82 4.76 -6.27
C ASP A 194 4.00 5.97 -7.17
N ASP A 195 5.17 6.59 -7.14
CA ASP A 195 5.42 7.74 -7.99
C ASP A 195 5.44 7.29 -9.42
N LEU A 196 6.00 6.11 -9.66
CA LEU A 196 6.10 5.55 -10.99
C LEU A 196 4.78 5.03 -11.49
N GLU A 197 3.91 4.62 -10.58
CA GLU A 197 2.61 4.11 -11.02
C GLU A 197 1.75 5.24 -11.55
N SER A 198 1.67 6.33 -10.80
CA SER A 198 0.89 7.50 -11.20
C SER A 198 1.35 7.96 -12.58
N LEU A 199 2.66 7.87 -12.83
CA LEU A 199 3.22 8.25 -14.12
C LEU A 199 2.56 7.36 -15.18
N GLY A 200 2.40 6.09 -14.88
CA GLY A 200 1.76 5.17 -15.81
C GLY A 200 0.41 5.74 -16.22
N TYR A 201 -0.28 6.33 -15.25
CA TYR A 201 -1.60 6.93 -15.50
C TYR A 201 -1.45 8.21 -16.27
N VAL A 202 -0.47 9.04 -15.94
CA VAL A 202 -0.26 10.27 -16.68
C VAL A 202 -0.02 9.93 -18.15
N LEU A 203 0.81 8.93 -18.40
CA LEU A 203 1.11 8.49 -19.74
C LEU A 203 -0.15 8.00 -20.44
N MET A 204 -0.96 7.19 -19.76
CA MET A 204 -2.19 6.70 -20.38
C MET A 204 -3.21 7.82 -20.61
N TYR A 205 -3.17 8.84 -19.77
CA TYR A 205 -4.07 9.98 -19.89
C TYR A 205 -3.73 10.76 -21.17
N PHE A 206 -2.43 10.88 -21.45
CA PHE A 206 -1.91 11.56 -22.63
C PHE A 206 -2.30 10.82 -23.91
N ASN A 207 -2.36 9.49 -23.84
CA ASN A 207 -2.71 8.63 -24.98
C ASN A 207 -4.22 8.53 -25.21
N LEU A 208 -4.96 8.52 -24.11
CA LEU A 208 -6.42 8.38 -24.10
C LEU A 208 -7.25 9.66 -24.16
N GLY A 209 -6.70 10.78 -23.71
CA GLY A 209 -7.46 12.02 -23.71
C GLY A 209 -8.08 12.24 -22.34
N SER A 210 -8.41 11.14 -21.67
CA SER A 210 -8.97 11.16 -20.33
C SER A 210 -8.96 9.74 -19.77
N LEU A 211 -8.92 9.62 -18.45
CA LEU A 211 -8.92 8.30 -17.81
C LEU A 211 -10.34 7.78 -17.62
N PRO A 212 -10.53 6.45 -17.62
CA PRO A 212 -11.86 5.85 -17.45
C PRO A 212 -12.60 6.20 -16.17
N TRP A 213 -11.84 6.44 -15.09
CA TRP A 213 -12.40 6.80 -13.80
C TRP A 213 -12.48 8.31 -13.66
N GLN A 214 -12.31 9.00 -14.78
CA GLN A 214 -12.35 10.45 -14.75
C GLN A 214 -13.76 11.02 -14.90
N GLY A 215 -14.11 11.94 -14.00
CA GLY A 215 -15.41 12.58 -14.04
C GLY A 215 -16.62 11.68 -13.80
N LEU A 216 -16.65 11.04 -12.63
CA LEU A 216 -17.76 10.16 -12.31
C LEU A 216 -18.96 10.94 -11.79
N LYS A 217 -18.70 12.14 -11.27
CA LYS A 217 -19.75 13.02 -10.75
C LYS A 217 -20.67 12.29 -9.77
N ALA A 218 -20.23 12.22 -8.52
CA ALA A 218 -20.99 11.56 -7.47
C ALA A 218 -21.93 12.53 -6.75
N ALA A 219 -22.41 12.11 -5.58
CA ALA A 219 -23.33 12.90 -4.76
C ALA A 219 -22.60 13.95 -3.89
N THR A 220 -23.39 14.64 -3.08
CA THR A 220 -22.90 15.68 -2.18
C THR A 220 -22.07 15.14 -1.00
N LYS A 221 -22.22 13.85 -0.70
CA LYS A 221 -21.48 13.23 0.40
C LYS A 221 -19.98 13.47 0.30
N ARG A 222 -19.29 13.31 1.43
CA ARG A 222 -17.85 13.55 1.53
C ARG A 222 -16.88 12.88 0.57
N GLN A 223 -17.15 11.64 0.19
CA GLN A 223 -16.22 10.95 -0.68
C GLN A 223 -16.66 10.54 -2.08
N LYS A 224 -16.04 11.19 -3.07
CA LYS A 224 -16.24 10.92 -4.49
C LYS A 224 -15.11 9.96 -4.86
N TYR A 225 -14.03 10.04 -4.09
CA TYR A 225 -12.83 9.22 -4.27
C TYR A 225 -13.14 7.75 -4.09
N GLU A 226 -14.25 7.44 -3.43
CA GLU A 226 -14.65 6.05 -3.22
C GLU A 226 -15.01 5.46 -4.60
N ARG A 227 -15.69 6.27 -5.42
CA ARG A 227 -16.07 5.82 -6.76
C ARG A 227 -14.82 5.65 -7.61
N ILE A 228 -13.93 6.65 -7.58
CA ILE A 228 -12.68 6.59 -8.33
C ILE A 228 -11.94 5.31 -7.94
N SER A 229 -11.73 5.12 -6.64
CA SER A 229 -11.04 3.93 -6.13
C SER A 229 -11.59 2.67 -6.78
N GLU A 230 -12.92 2.55 -6.77
CA GLU A 230 -13.60 1.40 -7.32
C GLU A 230 -13.39 1.29 -8.82
N LYS A 231 -13.78 2.33 -9.56
CA LYS A 231 -13.62 2.32 -11.02
C LYS A 231 -12.18 1.94 -11.39
N LYS A 232 -11.23 2.48 -10.62
CA LYS A 232 -9.82 2.24 -10.83
C LYS A 232 -9.39 0.79 -10.60
N MET A 233 -9.82 0.19 -9.50
CA MET A 233 -9.43 -1.20 -9.21
C MET A 233 -10.20 -2.21 -10.08
N SER A 234 -11.35 -1.78 -10.58
CA SER A 234 -12.20 -2.61 -11.42
C SER A 234 -11.79 -2.59 -12.88
N THR A 235 -11.00 -1.59 -13.26
CA THR A 235 -10.54 -1.51 -14.65
C THR A 235 -9.17 -2.17 -14.79
N PRO A 236 -9.14 -3.35 -15.41
CA PRO A 236 -7.87 -4.06 -15.60
C PRO A 236 -6.97 -3.37 -16.62
N ILE A 237 -5.67 -3.44 -16.38
CA ILE A 237 -4.66 -2.84 -17.24
C ILE A 237 -4.85 -3.18 -18.72
N GLU A 238 -5.24 -4.42 -18.99
CA GLU A 238 -5.42 -4.89 -20.36
C GLU A 238 -6.54 -4.14 -21.09
N VAL A 239 -7.52 -3.69 -20.33
CA VAL A 239 -8.66 -2.94 -20.86
C VAL A 239 -8.30 -1.46 -20.97
N LEU A 240 -7.60 -0.96 -19.95
CA LEU A 240 -7.17 0.43 -19.91
C LEU A 240 -6.25 0.76 -21.09
N CYS A 241 -5.27 -0.10 -21.32
CA CYS A 241 -4.29 0.09 -22.40
C CYS A 241 -4.71 -0.50 -23.76
N LYS A 242 -5.97 -0.91 -23.86
CA LYS A 242 -6.51 -1.48 -25.10
C LYS A 242 -6.33 -0.55 -26.29
N GLY A 243 -5.75 -1.07 -27.36
CA GLY A 243 -5.55 -0.28 -28.56
C GLY A 243 -4.23 0.47 -28.59
N TYR A 244 -3.34 0.18 -27.64
CA TYR A 244 -2.04 0.84 -27.57
C TYR A 244 -0.89 -0.15 -27.47
N PRO A 245 0.34 0.30 -27.72
CA PRO A 245 1.50 -0.57 -27.65
C PRO A 245 1.61 -1.21 -26.27
N SER A 246 1.81 -2.51 -26.25
CA SER A 246 1.94 -3.28 -25.01
C SER A 246 2.90 -2.70 -23.97
N GLU A 247 3.90 -1.95 -24.41
CA GLU A 247 4.87 -1.36 -23.48
C GLU A 247 4.21 -0.57 -22.34
N PHE A 248 3.03 -0.02 -22.60
CA PHE A 248 2.31 0.74 -21.60
C PHE A 248 1.70 -0.14 -20.52
N ALA A 249 1.09 -1.25 -20.93
CA ALA A 249 0.48 -2.17 -19.97
C ALA A 249 1.58 -2.87 -19.17
N THR A 250 2.67 -3.19 -19.86
CA THR A 250 3.83 -3.82 -19.28
C THR A 250 4.45 -2.85 -18.27
N TYR A 251 4.29 -1.55 -18.51
CA TYR A 251 4.81 -0.52 -17.59
C TYR A 251 4.01 -0.56 -16.28
N LEU A 252 2.69 -0.39 -16.38
CA LEU A 252 1.82 -0.38 -15.21
C LEU A 252 1.89 -1.65 -14.39
N ASN A 253 1.84 -2.80 -15.06
CA ASN A 253 1.91 -4.07 -14.37
C ASN A 253 3.18 -4.16 -13.53
N PHE A 254 4.31 -3.84 -14.15
CA PHE A 254 5.59 -3.90 -13.46
C PHE A 254 5.59 -3.07 -12.17
N CYS A 255 5.04 -1.86 -12.25
CA CYS A 255 4.99 -0.98 -11.08
C CYS A 255 4.10 -1.51 -9.98
N ARG A 256 3.01 -2.16 -10.36
CA ARG A 256 2.07 -2.74 -9.41
C ARG A 256 2.68 -3.92 -8.69
N SER A 257 3.60 -4.62 -9.34
CA SER A 257 4.24 -5.81 -8.77
C SER A 257 5.30 -5.49 -7.72
N LEU A 258 5.97 -4.35 -7.89
CA LEU A 258 7.01 -3.93 -6.96
C LEU A 258 6.54 -3.93 -5.51
N ARG A 259 7.46 -4.31 -4.63
CA ARG A 259 7.19 -4.33 -3.21
C ARG A 259 7.47 -2.96 -2.64
N PHE A 260 6.85 -2.66 -1.52
CA PHE A 260 6.97 -1.37 -0.84
C PHE A 260 8.40 -0.84 -0.82
N ASP A 261 9.37 -1.70 -0.57
CA ASP A 261 10.77 -1.27 -0.49
C ASP A 261 11.69 -1.57 -1.67
N ASP A 262 11.20 -2.18 -2.72
CA ASP A 262 12.05 -2.50 -3.86
C ASP A 262 12.53 -1.23 -4.55
N LYS A 263 13.80 -1.21 -4.95
CA LYS A 263 14.32 -0.05 -5.69
C LYS A 263 13.86 -0.37 -7.11
N PRO A 264 13.18 0.56 -7.79
CA PRO A 264 12.72 0.28 -9.15
C PRO A 264 13.82 0.22 -10.19
N ASP A 265 13.64 -0.64 -11.20
CA ASP A 265 14.60 -0.80 -12.28
C ASP A 265 14.23 0.26 -13.31
N TYR A 266 14.71 1.48 -13.06
CA TYR A 266 14.40 2.61 -13.95
C TYR A 266 14.84 2.40 -15.40
N SER A 267 16.06 1.93 -15.59
CA SER A 267 16.59 1.69 -16.93
C SER A 267 15.71 0.73 -17.71
N TYR A 268 15.18 -0.28 -17.03
CA TYR A 268 14.30 -1.24 -17.67
C TYR A 268 13.10 -0.47 -18.21
N LEU A 269 12.58 0.43 -17.39
CA LEU A 269 11.44 1.22 -17.76
C LEU A 269 11.77 2.16 -18.91
N ARG A 270 12.94 2.77 -18.90
CA ARG A 270 13.31 3.65 -20.02
C ARG A 270 13.51 2.79 -21.27
N GLN A 271 14.06 1.59 -21.04
CA GLN A 271 14.35 0.62 -22.08
C GLN A 271 13.11 0.19 -22.87
N LEU A 272 12.01 -0.07 -22.17
CA LEU A 272 10.76 -0.48 -22.82
C LEU A 272 10.31 0.53 -23.85
N PHE A 273 10.29 1.80 -23.43
CA PHE A 273 9.82 2.87 -24.30
C PHE A 273 10.80 3.19 -25.41
N ARG A 274 12.09 3.23 -25.12
CA ARG A 274 13.08 3.50 -26.15
C ARG A 274 13.05 2.46 -27.26
N ASN A 275 12.94 1.18 -26.88
CA ASN A 275 12.88 0.11 -27.87
C ASN A 275 11.70 0.30 -28.80
N LEU A 276 10.58 0.75 -28.24
CA LEU A 276 9.37 1.02 -28.99
C LEU A 276 9.57 2.25 -29.89
N PHE A 277 10.25 3.25 -29.34
CA PHE A 277 10.56 4.49 -30.07
C PHE A 277 11.33 4.10 -31.33
N HIS A 278 12.46 3.40 -31.14
CA HIS A 278 13.31 2.97 -32.25
C HIS A 278 12.58 2.07 -33.22
N ARG A 279 11.66 1.27 -32.71
CA ARG A 279 10.89 0.33 -33.54
C ARG A 279 10.01 1.08 -34.52
N GLN A 280 9.21 2.01 -34.02
CA GLN A 280 8.33 2.79 -34.88
C GLN A 280 9.10 3.69 -35.84
N GLY A 281 10.43 3.66 -35.77
CA GLY A 281 11.27 4.48 -36.64
C GLY A 281 11.27 5.96 -36.35
N PHE A 282 11.37 6.36 -35.08
CA PHE A 282 11.35 7.78 -34.69
C PHE A 282 12.72 8.36 -34.49
N SER A 283 12.87 9.59 -34.94
CA SER A 283 14.14 10.30 -34.82
C SER A 283 14.18 10.90 -33.42
N TYR A 284 15.34 10.90 -32.78
CA TYR A 284 15.41 11.48 -31.45
C TYR A 284 15.74 12.96 -31.47
N ASP A 285 14.87 13.70 -32.13
CA ASP A 285 14.97 15.15 -32.20
C ASP A 285 14.00 15.58 -31.10
N TYR A 286 14.08 16.81 -30.64
CA TYR A 286 13.15 17.19 -29.61
C TYR A 286 11.99 17.95 -30.21
N VAL A 287 11.49 17.43 -31.33
CA VAL A 287 10.36 18.00 -32.05
C VAL A 287 9.12 17.30 -31.53
N PHE A 288 8.34 18.06 -30.76
CA PHE A 288 7.12 17.58 -30.12
C PHE A 288 5.87 18.03 -30.88
N ASP A 289 4.73 17.45 -30.54
CA ASP A 289 3.46 17.81 -31.17
C ASP A 289 3.29 19.33 -31.27
N TRP A 290 3.42 20.01 -30.14
CA TRP A 290 3.25 21.45 -30.08
C TRP A 290 4.17 22.26 -30.99
N ASN A 291 5.21 21.63 -31.52
CA ASN A 291 6.14 22.30 -32.43
C ASN A 291 5.60 22.23 -33.84
N MET A 292 4.93 21.12 -34.15
CA MET A 292 4.34 20.85 -35.46
C MET A 292 3.01 21.59 -35.64
N LEU A 293 2.33 21.85 -34.53
CA LEU A 293 1.03 22.53 -34.58
C LEU A 293 1.03 23.79 -35.42
N LYS A 294 2.20 24.40 -35.59
CA LYS A 294 2.30 25.64 -36.37
C LYS A 294 2.11 25.44 -37.86
N PHE A 295 2.10 24.18 -38.29
CA PHE A 295 1.95 23.87 -39.69
C PHE A 295 0.64 23.14 -39.96
N GLY A 296 -0.21 23.06 -38.95
CA GLY A 296 -1.47 22.38 -39.10
C GLY A 296 -1.52 21.08 -38.31
N MET B 1 -35.50 -3.91 28.82
CA MET B 1 -35.24 -2.74 27.94
C MET B 1 -34.17 -3.18 26.95
N GLU B 2 -33.72 -2.27 26.08
CA GLU B 2 -32.70 -2.64 25.12
C GLU B 2 -31.32 -2.80 25.76
N LEU B 3 -30.66 -3.89 25.38
CA LEU B 3 -29.33 -4.26 25.87
C LEU B 3 -28.32 -3.27 25.35
N ARG B 4 -27.75 -2.47 26.24
CA ARG B 4 -26.77 -1.48 25.84
C ARG B 4 -25.45 -1.54 26.61
N VAL B 5 -24.39 -1.93 25.92
CA VAL B 5 -23.06 -2.05 26.51
C VAL B 5 -22.35 -0.69 26.64
N GLY B 6 -22.01 -0.36 27.88
CA GLY B 6 -21.30 0.88 28.16
C GLY B 6 -22.06 2.14 27.79
N ASN B 7 -23.36 2.00 27.55
CA ASN B 7 -24.21 3.13 27.17
C ASN B 7 -23.78 3.75 25.85
N ARG B 8 -23.00 3.01 25.08
CA ARG B 8 -22.51 3.50 23.80
C ARG B 8 -22.86 2.59 22.64
N TYR B 9 -22.81 1.29 22.88
CA TYR B 9 -23.09 0.32 21.82
C TYR B 9 -24.26 -0.58 22.19
N ARG B 10 -25.15 -0.84 21.24
CA ARG B 10 -26.22 -1.76 21.54
C ARG B 10 -25.63 -3.08 21.12
N LEU B 11 -25.87 -4.11 21.92
CA LEU B 11 -25.36 -5.45 21.64
C LEU B 11 -26.30 -6.16 20.65
N GLY B 12 -25.75 -7.05 19.83
CA GLY B 12 -26.56 -7.76 18.86
C GLY B 12 -26.32 -9.26 18.88
N ARG B 13 -26.45 -9.90 17.72
CA ARG B 13 -26.29 -11.34 17.59
C ARG B 13 -24.86 -11.83 17.88
N LYS B 14 -24.73 -12.93 18.62
CA LYS B 14 -23.40 -13.44 18.91
C LYS B 14 -22.89 -14.01 17.60
N ILE B 15 -21.89 -13.37 17.00
CA ILE B 15 -21.34 -13.83 15.73
C ILE B 15 -20.07 -14.66 15.89
N GLY B 16 -20.04 -15.55 16.88
CA GLY B 16 -18.88 -16.39 17.07
C GLY B 16 -18.22 -16.31 18.41
N SER B 17 -17.12 -17.04 18.55
CA SER B 17 -16.35 -17.08 19.78
C SER B 17 -14.87 -16.93 19.48
N GLY B 18 -14.24 -15.97 20.14
CA GLY B 18 -12.82 -15.74 19.96
C GLY B 18 -12.07 -16.72 20.86
N SER B 19 -10.75 -16.65 20.85
CA SER B 19 -9.91 -17.53 21.65
C SER B 19 -10.35 -17.74 23.09
N PHE B 20 -10.94 -16.72 23.69
CA PHE B 20 -11.34 -16.80 25.09
C PHE B 20 -12.55 -15.92 25.41
N GLY B 21 -13.42 -15.73 24.43
CA GLY B 21 -14.56 -14.88 24.64
C GLY B 21 -15.52 -15.03 23.50
N ASP B 22 -16.59 -14.25 23.52
CA ASP B 22 -17.56 -14.35 22.46
C ASP B 22 -17.60 -13.03 21.75
N ILE B 23 -17.76 -13.09 20.43
CA ILE B 23 -17.84 -11.91 19.61
C ILE B 23 -19.32 -11.67 19.33
N TYR B 24 -19.80 -10.48 19.66
CA TYR B 24 -21.18 -10.09 19.45
C TYR B 24 -21.23 -8.94 18.45
N LEU B 25 -22.30 -8.88 17.66
CA LEU B 25 -22.49 -7.81 16.69
C LEU B 25 -22.85 -6.60 17.55
N GLY B 26 -22.41 -5.42 17.15
CA GLY B 26 -22.70 -4.25 17.93
C GLY B 26 -22.92 -3.04 17.07
N THR B 27 -23.55 -2.02 17.65
CA THR B 27 -23.80 -0.79 16.92
C THR B 27 -23.43 0.39 17.77
N ASP B 28 -22.51 1.21 17.26
CA ASP B 28 -22.10 2.42 17.94
C ASP B 28 -23.36 3.26 17.73
N ILE B 29 -24.17 3.39 18.77
CA ILE B 29 -25.43 4.12 18.67
C ILE B 29 -25.24 5.52 18.08
N ALA B 30 -24.24 6.24 18.59
CA ALA B 30 -23.94 7.59 18.13
C ALA B 30 -23.64 7.67 16.63
N ALA B 31 -22.57 6.99 16.21
CA ALA B 31 -22.15 7.01 14.82
C ALA B 31 -22.89 6.01 13.93
N GLY B 32 -23.76 5.20 14.51
CA GLY B 32 -24.49 4.23 13.73
C GLY B 32 -23.66 3.13 13.08
N GLU B 33 -22.34 3.24 13.17
CA GLU B 33 -21.46 2.25 12.55
C GLU B 33 -21.52 0.90 13.23
N GLU B 34 -21.34 -0.14 12.42
CA GLU B 34 -21.35 -1.52 12.90
C GLU B 34 -19.96 -1.85 13.43
N VAL B 35 -19.91 -2.41 14.64
CA VAL B 35 -18.63 -2.77 15.27
C VAL B 35 -18.68 -4.23 15.75
N ALA B 36 -17.59 -4.73 16.28
CA ALA B 36 -17.53 -6.10 16.78
C ALA B 36 -17.21 -5.99 18.26
N ILE B 37 -18.00 -6.66 19.10
CA ILE B 37 -17.78 -6.59 20.53
C ILE B 37 -17.30 -7.89 21.13
N LYS B 38 -16.22 -7.82 21.89
CA LYS B 38 -15.67 -8.99 22.54
C LYS B 38 -15.91 -8.88 24.03
N LEU B 39 -16.41 -9.94 24.62
CA LEU B 39 -16.71 -9.94 26.04
C LEU B 39 -15.99 -11.02 26.83
N GLU B 40 -15.53 -10.65 28.02
CA GLU B 40 -14.87 -11.58 28.92
C GLU B 40 -15.51 -11.38 30.28
N CYS B 41 -15.91 -12.47 30.93
CA CYS B 41 -16.54 -12.32 32.23
C CYS B 41 -15.46 -11.94 33.21
N VAL B 42 -15.73 -10.91 33.99
CA VAL B 42 -14.78 -10.44 34.98
C VAL B 42 -14.31 -11.57 35.89
N LYS B 43 -15.20 -12.52 36.13
CA LYS B 43 -14.87 -13.65 36.98
C LYS B 43 -14.30 -14.83 36.20
N THR B 44 -13.24 -14.58 35.46
CA THR B 44 -12.58 -15.64 34.71
C THR B 44 -11.31 -15.88 35.50
N LYS B 45 -10.85 -17.13 35.50
CA LYS B 45 -9.66 -17.51 36.22
C LYS B 45 -8.41 -17.17 35.41
N HIS B 46 -8.59 -16.91 34.11
CA HIS B 46 -7.49 -16.58 33.21
C HIS B 46 -7.83 -15.41 32.29
N PRO B 47 -7.84 -14.18 32.85
CA PRO B 47 -8.15 -12.94 32.15
C PRO B 47 -7.13 -12.65 31.05
N GLN B 48 -7.57 -12.69 29.80
CA GLN B 48 -6.67 -12.41 28.68
C GLN B 48 -7.02 -11.11 27.98
N LEU B 49 -8.30 -10.73 28.01
CA LEU B 49 -8.75 -9.51 27.33
C LEU B 49 -7.89 -8.29 27.57
N HIS B 50 -7.54 -8.02 28.83
CA HIS B 50 -6.70 -6.86 29.13
C HIS B 50 -5.34 -6.99 28.47
N ILE B 51 -4.92 -8.23 28.25
CA ILE B 51 -3.66 -8.52 27.59
C ILE B 51 -3.84 -8.31 26.09
N GLU B 52 -4.90 -8.89 25.52
CA GLU B 52 -5.16 -8.76 24.08
C GLU B 52 -5.40 -7.34 23.61
N SER B 53 -6.18 -6.56 24.35
CA SER B 53 -6.45 -5.19 23.94
C SER B 53 -5.13 -4.44 23.84
N LYS B 54 -4.21 -4.75 24.75
CA LYS B 54 -2.90 -4.11 24.78
C LYS B 54 -2.11 -4.44 23.50
N ILE B 55 -2.15 -5.70 23.08
CA ILE B 55 -1.43 -6.13 21.87
C ILE B 55 -1.94 -5.42 20.62
N TYR B 56 -3.26 -5.38 20.43
CA TYR B 56 -3.86 -4.69 19.28
C TYR B 56 -3.36 -3.26 19.24
N LYS B 57 -3.22 -2.65 20.42
CA LYS B 57 -2.76 -1.28 20.51
C LYS B 57 -1.32 -1.11 20.07
N MET B 58 -0.46 -2.07 20.42
CA MET B 58 0.94 -2.03 20.02
C MET B 58 1.01 -2.13 18.48
N MET B 59 0.16 -2.98 17.93
CA MET B 59 0.09 -3.21 16.50
C MET B 59 -0.49 -2.05 15.69
N GLN B 60 -1.11 -1.09 16.37
CA GLN B 60 -1.75 0.00 15.65
C GLN B 60 -0.88 0.72 14.64
N GLY B 61 -1.48 1.00 13.48
CA GLY B 61 -0.77 1.69 12.43
C GLY B 61 -0.30 0.76 11.33
N GLY B 62 -0.17 -0.52 11.66
CA GLY B 62 0.27 -1.49 10.68
C GLY B 62 -0.80 -1.67 9.62
N VAL B 63 -0.40 -2.13 8.44
CA VAL B 63 -1.36 -2.36 7.38
C VAL B 63 -2.12 -3.62 7.73
N GLY B 64 -3.46 -3.58 7.63
CA GLY B 64 -4.26 -4.75 7.89
C GLY B 64 -4.50 -5.17 9.33
N ILE B 65 -4.40 -4.21 10.25
CA ILE B 65 -4.63 -4.45 11.67
C ILE B 65 -5.93 -3.76 12.04
N PRO B 66 -6.87 -4.49 12.66
CA PRO B 66 -8.15 -3.87 13.03
C PRO B 66 -8.00 -2.82 14.12
N THR B 67 -8.94 -1.87 14.16
CA THR B 67 -8.91 -0.77 15.13
C THR B 67 -9.78 -1.06 16.35
N ILE B 68 -9.21 -0.84 17.53
CA ILE B 68 -9.96 -1.01 18.77
C ILE B 68 -10.63 0.35 18.95
N ARG B 69 -11.92 0.32 19.29
CA ARG B 69 -12.69 1.55 19.48
C ARG B 69 -12.77 1.94 20.93
N TRP B 70 -13.13 1.00 21.79
CA TRP B 70 -13.33 1.29 23.20
C TRP B 70 -13.12 0.07 24.07
N CYS B 71 -12.73 0.32 25.31
CA CYS B 71 -12.51 -0.71 26.31
C CYS B 71 -13.21 -0.22 27.55
N GLY B 72 -14.05 -1.08 28.13
CA GLY B 72 -14.76 -0.67 29.31
C GLY B 72 -15.08 -1.85 30.19
N ALA B 73 -15.39 -1.55 31.43
CA ALA B 73 -15.73 -2.57 32.40
C ALA B 73 -17.19 -2.40 32.76
N GLU B 74 -17.99 -3.38 32.35
CA GLU B 74 -19.41 -3.37 32.65
C GLU B 74 -19.59 -4.13 33.96
N GLY B 75 -20.84 -4.30 34.39
CA GLY B 75 -21.10 -5.02 35.62
C GLY B 75 -20.51 -6.40 35.77
N ASP B 76 -20.77 -7.27 34.80
CA ASP B 76 -20.28 -8.65 34.85
C ASP B 76 -19.18 -8.98 33.82
N TYR B 77 -18.97 -8.08 32.86
CA TYR B 77 -17.98 -8.30 31.81
C TYR B 77 -16.95 -7.20 31.62
N ASN B 78 -15.91 -7.56 30.88
CA ASN B 78 -14.84 -6.64 30.49
C ASN B 78 -15.14 -6.56 28.99
N VAL B 79 -15.14 -5.36 28.43
CA VAL B 79 -15.49 -5.17 27.02
C VAL B 79 -14.39 -4.63 26.13
N MET B 80 -14.28 -5.18 24.93
CA MET B 80 -13.33 -4.68 23.95
C MET B 80 -14.06 -4.56 22.64
N VAL B 81 -14.31 -3.33 22.22
CA VAL B 81 -15.02 -3.08 20.98
C VAL B 81 -13.97 -2.78 19.92
N MET B 82 -14.12 -3.40 18.75
CA MET B 82 -13.19 -3.18 17.65
C MET B 82 -13.94 -3.07 16.34
N GLU B 83 -13.32 -2.47 15.34
CA GLU B 83 -14.00 -2.30 14.06
C GLU B 83 -14.39 -3.64 13.48
N LEU B 84 -15.57 -3.69 12.90
CA LEU B 84 -16.06 -4.90 12.26
C LEU B 84 -15.47 -4.82 10.86
N LEU B 85 -15.07 -5.97 10.34
CA LEU B 85 -14.47 -6.07 9.02
C LEU B 85 -15.35 -6.94 8.15
N GLY B 86 -14.88 -7.23 6.94
CA GLY B 86 -15.65 -8.06 6.04
C GLY B 86 -15.59 -9.54 6.36
N PRO B 87 -15.96 -10.39 5.40
CA PRO B 87 -15.94 -11.84 5.61
C PRO B 87 -14.52 -12.38 5.70
N SER B 88 -14.37 -13.52 6.36
CA SER B 88 -13.06 -14.13 6.53
C SER B 88 -12.73 -14.94 5.28
N LEU B 89 -11.50 -15.42 5.18
CA LEU B 89 -11.10 -16.21 4.03
C LEU B 89 -11.71 -17.62 4.00
N GLU B 90 -12.41 -17.97 5.07
CA GLU B 90 -13.10 -19.27 5.15
C GLU B 90 -14.51 -19.07 4.57
N ASP B 91 -15.17 -17.99 4.97
CA ASP B 91 -16.51 -17.65 4.48
C ASP B 91 -16.47 -17.45 2.97
N LEU B 92 -15.39 -16.86 2.47
CA LEU B 92 -15.22 -16.64 1.03
C LEU B 92 -14.86 -17.95 0.30
N PHE B 93 -14.12 -18.82 0.99
CA PHE B 93 -13.72 -20.11 0.44
C PHE B 93 -15.00 -20.90 0.23
N ASN B 94 -15.78 -21.03 1.30
CA ASN B 94 -17.04 -21.76 1.25
C ASN B 94 -17.98 -21.13 0.23
N PHE B 95 -18.02 -19.80 0.19
CA PHE B 95 -18.86 -19.08 -0.77
C PHE B 95 -18.46 -19.51 -2.17
N CYS B 96 -17.15 -19.67 -2.39
CA CYS B 96 -16.62 -20.07 -3.69
C CYS B 96 -16.52 -21.59 -3.85
N SER B 97 -17.55 -22.31 -3.42
CA SER B 97 -17.61 -23.76 -3.54
C SER B 97 -16.32 -24.46 -3.12
N ARG B 98 -15.58 -23.84 -2.21
CA ARG B 98 -14.33 -24.38 -1.69
C ARG B 98 -13.26 -24.63 -2.75
N LYS B 99 -13.09 -23.64 -3.63
CA LYS B 99 -12.08 -23.72 -4.66
C LYS B 99 -11.52 -22.34 -5.00
N PHE B 100 -10.22 -22.18 -4.73
CA PHE B 100 -9.54 -20.93 -5.02
C PHE B 100 -8.57 -21.18 -6.19
N SER B 101 -8.63 -20.29 -7.18
CA SER B 101 -7.77 -20.39 -8.34
C SER B 101 -6.36 -19.91 -7.99
N LEU B 102 -5.36 -20.47 -8.68
CA LEU B 102 -3.96 -20.13 -8.45
C LEU B 102 -3.63 -18.67 -8.17
N LYS B 103 -4.14 -17.75 -8.99
CA LYS B 103 -3.81 -16.34 -8.76
C LYS B 103 -4.48 -15.76 -7.52
N THR B 104 -5.71 -16.15 -7.23
CA THR B 104 -6.39 -15.64 -6.04
C THR B 104 -5.56 -16.11 -4.84
N VAL B 105 -5.15 -17.37 -4.89
CA VAL B 105 -4.35 -17.95 -3.81
C VAL B 105 -2.98 -17.27 -3.70
N LEU B 106 -2.41 -16.87 -4.84
CA LEU B 106 -1.11 -16.20 -4.83
C LEU B 106 -1.23 -14.75 -4.36
N LEU B 107 -2.27 -14.07 -4.80
CA LEU B 107 -2.50 -12.68 -4.43
C LEU B 107 -2.72 -12.56 -2.90
N LEU B 108 -3.35 -13.57 -2.29
CA LEU B 108 -3.58 -13.59 -0.85
C LEU B 108 -2.33 -14.00 -0.09
N ALA B 109 -1.61 -14.98 -0.63
CA ALA B 109 -0.38 -15.49 -0.02
C ALA B 109 0.60 -14.37 0.26
N ASP B 110 0.68 -13.41 -0.65
CA ASP B 110 1.58 -12.28 -0.51
C ASP B 110 1.17 -11.39 0.69
N GLN B 111 -0.11 -11.05 0.79
CA GLN B 111 -0.56 -10.21 1.89
C GLN B 111 -0.47 -10.93 3.23
N MET B 112 -0.85 -12.21 3.22
CA MET B 112 -0.82 -13.00 4.42
C MET B 112 0.60 -13.10 4.97
N ILE B 113 1.58 -13.20 4.08
CA ILE B 113 2.98 -13.30 4.51
C ILE B 113 3.49 -11.96 5.04
N SER B 114 2.87 -10.87 4.59
CA SER B 114 3.24 -9.54 5.04
C SER B 114 2.79 -9.34 6.48
N ARG B 115 1.54 -9.71 6.79
CA ARG B 115 0.99 -9.57 8.13
C ARG B 115 1.82 -10.32 9.16
N ILE B 116 2.07 -11.62 8.93
CA ILE B 116 2.86 -12.40 9.88
C ILE B 116 4.21 -11.73 10.05
N GLU B 117 4.80 -11.27 8.95
CA GLU B 117 6.09 -10.58 9.02
C GLU B 117 5.95 -9.40 9.95
N TYR B 118 4.86 -8.63 9.79
CA TYR B 118 4.63 -7.46 10.63
C TYR B 118 4.59 -7.82 12.10
N ILE B 119 3.74 -8.75 12.48
CA ILE B 119 3.61 -9.16 13.87
C ILE B 119 4.96 -9.53 14.46
N HIS B 120 5.76 -10.27 13.70
CA HIS B 120 7.07 -10.69 14.18
C HIS B 120 7.98 -9.50 14.43
N SER B 121 7.83 -8.43 13.63
CA SER B 121 8.65 -7.25 13.84
C SER B 121 8.27 -6.56 15.15
N LYS B 122 7.14 -6.99 15.73
CA LYS B 122 6.64 -6.44 16.97
C LYS B 122 6.93 -7.34 18.16
N ASN B 123 7.69 -8.42 17.92
CA ASN B 123 8.07 -9.35 18.99
C ASN B 123 6.97 -10.28 19.48
N PHE B 124 6.07 -10.66 18.58
CA PHE B 124 4.99 -11.57 18.93
C PHE B 124 4.83 -12.65 17.85
N ILE B 125 4.28 -13.78 18.26
CA ILE B 125 3.99 -14.86 17.33
C ILE B 125 2.50 -15.09 17.54
N HIS B 126 1.77 -15.22 16.44
CA HIS B 126 0.32 -15.39 16.46
C HIS B 126 -0.17 -16.68 17.10
N ARG B 127 0.47 -17.78 16.74
CA ARG B 127 0.18 -19.12 17.25
C ARG B 127 -1.20 -19.73 16.98
N ASP B 128 -1.95 -19.14 16.06
CA ASP B 128 -3.26 -19.69 15.71
C ASP B 128 -3.63 -19.21 14.29
N VAL B 129 -2.69 -19.34 13.35
CA VAL B 129 -2.92 -18.94 11.96
C VAL B 129 -3.84 -19.92 11.22
N LYS B 130 -4.99 -19.42 10.78
CA LYS B 130 -5.99 -20.20 10.04
C LYS B 130 -6.82 -19.19 9.23
N PRO B 131 -7.58 -19.65 8.23
CA PRO B 131 -8.39 -18.76 7.40
C PRO B 131 -9.42 -17.91 8.13
N ASP B 132 -9.86 -18.40 9.29
CA ASP B 132 -10.85 -17.72 10.09
C ASP B 132 -10.29 -16.44 10.70
N ASN B 133 -8.97 -16.41 10.93
CA ASN B 133 -8.33 -15.23 11.51
C ASN B 133 -7.86 -14.24 10.45
N PHE B 134 -8.45 -14.28 9.27
CA PHE B 134 -8.10 -13.37 8.18
C PHE B 134 -9.41 -12.86 7.61
N LEU B 135 -9.57 -11.54 7.61
CA LEU B 135 -10.79 -10.91 7.14
C LEU B 135 -10.52 -9.81 6.12
N MET B 136 -11.38 -9.69 5.11
CA MET B 136 -11.19 -8.65 4.10
C MET B 136 -11.76 -7.37 4.69
N GLY B 137 -11.26 -6.21 4.27
CA GLY B 137 -11.77 -4.95 4.79
C GLY B 137 -13.16 -4.58 4.27
N LEU B 138 -13.53 -3.32 4.42
CA LEU B 138 -14.83 -2.85 3.94
C LEU B 138 -14.68 -1.75 2.90
N GLY B 139 -15.51 -1.80 1.87
CA GLY B 139 -15.46 -0.80 0.82
C GLY B 139 -14.21 -0.82 -0.05
N LYS B 140 -13.47 0.27 -0.02
CA LYS B 140 -12.24 0.39 -0.80
C LYS B 140 -11.14 -0.47 -0.21
N LYS B 141 -11.20 -0.69 1.11
CA LYS B 141 -10.21 -1.53 1.74
C LYS B 141 -10.59 -3.00 1.63
N GLY B 142 -11.67 -3.28 0.90
CA GLY B 142 -12.12 -4.65 0.70
C GLY B 142 -11.17 -5.54 -0.08
N ASN B 143 -9.99 -5.03 -0.42
CA ASN B 143 -9.00 -5.80 -1.17
C ASN B 143 -7.81 -6.05 -0.28
N LEU B 144 -7.98 -5.71 0.98
CA LEU B 144 -6.92 -5.84 1.95
C LEU B 144 -7.22 -6.95 2.94
N VAL B 145 -6.28 -7.89 3.07
CA VAL B 145 -6.40 -9.00 4.01
C VAL B 145 -5.95 -8.50 5.40
N TYR B 146 -6.79 -8.74 6.40
CA TYR B 146 -6.53 -8.34 7.79
C TYR B 146 -6.26 -9.56 8.64
N ILE B 147 -5.50 -9.39 9.72
CA ILE B 147 -5.26 -10.50 10.61
C ILE B 147 -5.95 -10.12 11.91
N ILE B 148 -6.57 -11.06 12.59
CA ILE B 148 -7.25 -10.77 13.85
C ILE B 148 -6.94 -11.82 14.89
N ASP B 149 -7.45 -11.58 16.09
CA ASP B 149 -7.32 -12.49 17.22
C ASP B 149 -5.90 -12.77 17.72
N PHE B 150 -5.46 -11.94 18.65
CA PHE B 150 -4.15 -12.06 19.27
C PHE B 150 -4.26 -12.72 20.64
N GLY B 151 -5.37 -13.43 20.87
CA GLY B 151 -5.57 -14.08 22.15
C GLY B 151 -4.51 -15.11 22.48
N LEU B 152 -4.03 -15.82 21.47
CA LEU B 152 -3.01 -16.83 21.69
C LEU B 152 -1.63 -16.28 21.39
N ALA B 153 -1.54 -15.00 21.06
CA ALA B 153 -0.26 -14.39 20.73
C ALA B 153 0.71 -14.41 21.92
N LYS B 154 1.96 -14.77 21.65
CA LYS B 154 3.00 -14.83 22.67
C LYS B 154 4.21 -14.01 22.22
N LYS B 155 4.85 -13.33 23.16
CA LYS B 155 6.04 -12.55 22.87
C LYS B 155 7.18 -13.55 22.78
N TYR B 156 7.93 -13.52 21.68
CA TYR B 156 9.03 -14.47 21.48
C TYR B 156 10.44 -13.92 21.74
N ARG B 157 10.56 -12.66 22.16
CA ARG B 157 11.86 -12.06 22.46
C ARG B 157 11.67 -10.80 23.29
N ASP B 158 12.68 -10.48 24.11
CA ASP B 158 12.60 -9.30 24.97
C ASP B 158 12.40 -8.03 24.15
N ALA B 159 11.50 -7.18 24.62
CA ALA B 159 11.18 -5.94 23.93
C ALA B 159 12.40 -5.02 23.78
N ARG B 160 13.41 -5.21 24.63
CA ARG B 160 14.61 -4.39 24.60
C ARG B 160 15.86 -5.13 24.12
N THR B 161 16.26 -6.14 24.88
CA THR B 161 17.45 -6.92 24.58
C THR B 161 17.32 -7.79 23.33
N HIS B 162 16.09 -8.09 22.94
CA HIS B 162 15.80 -8.95 21.79
C HIS B 162 16.38 -10.35 21.96
N GLN B 163 16.57 -10.74 23.21
CA GLN B 163 17.07 -12.06 23.55
C GLN B 163 15.86 -12.97 23.33
N HIS B 164 15.97 -13.86 22.36
CA HIS B 164 14.90 -14.78 22.02
C HIS B 164 14.59 -15.71 23.20
N ILE B 165 13.31 -16.09 23.33
CA ILE B 165 12.88 -16.97 24.41
C ILE B 165 13.60 -18.33 24.36
N PRO B 166 13.82 -18.95 25.53
CA PRO B 166 14.49 -20.25 25.71
C PRO B 166 13.76 -21.38 25.00
N TYR B 167 14.50 -22.42 24.65
CA TYR B 167 13.89 -23.57 24.00
C TYR B 167 13.29 -24.44 25.09
N ARG B 168 12.02 -24.77 24.93
CA ARG B 168 11.32 -25.61 25.88
C ARG B 168 10.49 -26.58 25.06
N GLU B 169 10.16 -27.72 25.66
CA GLU B 169 9.33 -28.72 24.99
C GLU B 169 8.46 -29.27 26.10
N ASN B 170 7.62 -30.25 25.78
CA ASN B 170 6.70 -30.86 26.75
C ASN B 170 5.50 -29.91 26.94
N LYS B 171 5.43 -28.90 26.08
CA LYS B 171 4.36 -27.93 26.09
C LYS B 171 3.09 -28.62 25.59
N ASN B 172 1.98 -27.90 25.61
CA ASN B 172 0.70 -28.44 25.14
C ASN B 172 0.37 -27.83 23.79
N LEU B 173 -0.43 -28.55 22.99
CA LEU B 173 -0.82 -28.05 21.68
C LEU B 173 -1.63 -26.77 21.88
N THR B 174 -1.24 -25.72 21.17
CA THR B 174 -1.90 -24.44 21.28
C THR B 174 -2.38 -23.95 19.91
N GLY B 175 -3.69 -24.04 19.69
CA GLY B 175 -4.27 -23.60 18.44
C GLY B 175 -5.01 -24.71 17.73
N THR B 176 -5.45 -24.43 16.50
CA THR B 176 -6.16 -25.41 15.69
C THR B 176 -5.19 -26.51 15.28
N ALA B 177 -5.48 -27.75 15.67
CA ALA B 177 -4.60 -28.86 15.34
C ALA B 177 -4.52 -29.11 13.85
N ARG B 178 -5.53 -28.67 13.11
CA ARG B 178 -5.53 -28.90 11.66
C ARG B 178 -4.40 -28.18 10.91
N TYR B 179 -3.97 -27.02 11.42
CA TYR B 179 -2.91 -26.25 10.78
C TYR B 179 -1.65 -26.22 11.63
N ALA B 180 -1.76 -26.73 12.85
CA ALA B 180 -0.65 -26.75 13.78
C ALA B 180 0.58 -27.43 13.17
N SER B 181 1.71 -26.76 13.24
CA SER B 181 2.96 -27.28 12.71
C SER B 181 3.37 -28.58 13.40
N ILE B 182 4.21 -29.36 12.71
CA ILE B 182 4.71 -30.61 13.25
C ILE B 182 5.39 -30.41 14.60
N ASN B 183 6.08 -29.27 14.78
CA ASN B 183 6.76 -28.98 16.06
C ASN B 183 5.75 -28.83 17.17
N THR B 184 4.63 -28.17 16.87
CA THR B 184 3.56 -27.95 17.83
C THR B 184 3.04 -29.30 18.28
N HIS B 185 2.88 -30.22 17.32
CA HIS B 185 2.40 -31.57 17.62
C HIS B 185 3.40 -32.31 18.50
N LEU B 186 4.67 -31.95 18.41
CA LEU B 186 5.70 -32.58 19.22
C LEU B 186 5.90 -31.83 20.55
N GLY B 187 4.91 -31.03 20.93
CA GLY B 187 4.98 -30.29 22.18
C GLY B 187 6.17 -29.35 22.34
N ILE B 188 6.74 -28.93 21.22
CA ILE B 188 7.89 -28.04 21.26
C ILE B 188 7.41 -26.59 21.33
N GLU B 189 8.19 -25.74 22.01
CA GLU B 189 7.88 -24.32 22.16
C GLU B 189 7.80 -23.65 20.78
N GLN B 190 6.78 -22.83 20.61
CA GLN B 190 6.56 -22.13 19.36
C GLN B 190 7.43 -20.91 19.16
N SER B 191 7.74 -20.63 17.90
CA SER B 191 8.54 -19.48 17.51
C SER B 191 8.13 -19.12 16.08
N ARG B 192 8.77 -18.11 15.50
CA ARG B 192 8.46 -17.64 14.15
C ARG B 192 8.23 -18.69 13.06
N ARG B 193 9.05 -19.74 13.03
CA ARG B 193 8.92 -20.80 12.03
C ARG B 193 7.54 -21.46 12.01
N ASP B 194 6.93 -21.60 13.18
CA ASP B 194 5.63 -22.21 13.30
C ASP B 194 4.50 -21.43 12.67
N ASP B 195 4.50 -20.11 12.84
CA ASP B 195 3.45 -19.27 12.24
C ASP B 195 3.46 -19.41 10.72
N LEU B 196 4.65 -19.53 10.14
CA LEU B 196 4.83 -19.63 8.70
C LEU B 196 4.57 -21.02 8.15
N GLU B 197 4.85 -22.05 8.95
CA GLU B 197 4.59 -23.41 8.50
C GLU B 197 3.07 -23.56 8.37
N SER B 198 2.34 -23.15 9.41
CA SER B 198 0.89 -23.21 9.40
C SER B 198 0.29 -22.42 8.24
N LEU B 199 0.92 -21.31 7.88
CA LEU B 199 0.41 -20.55 6.75
C LEU B 199 0.55 -21.41 5.51
N GLY B 200 1.56 -22.29 5.54
CA GLY B 200 1.80 -23.19 4.43
C GLY B 200 0.65 -24.15 4.22
N TYR B 201 0.17 -24.71 5.32
CA TYR B 201 -0.95 -25.64 5.28
C TYR B 201 -2.21 -24.90 4.86
N VAL B 202 -2.31 -23.62 5.23
CA VAL B 202 -3.48 -22.83 4.86
C VAL B 202 -3.52 -22.63 3.35
N LEU B 203 -2.36 -22.38 2.75
CA LEU B 203 -2.29 -22.19 1.29
C LEU B 203 -2.71 -23.48 0.58
N MET B 204 -2.13 -24.60 0.98
CA MET B 204 -2.49 -25.89 0.37
C MET B 204 -3.96 -26.25 0.61
N TYR B 205 -4.52 -25.78 1.72
CA TYR B 205 -5.92 -25.99 2.05
C TYR B 205 -6.73 -25.28 0.98
N PHE B 206 -6.27 -24.09 0.59
CA PHE B 206 -6.96 -23.33 -0.44
C PHE B 206 -6.81 -24.01 -1.81
N ASN B 207 -5.64 -24.60 -2.07
CA ASN B 207 -5.38 -25.31 -3.34
C ASN B 207 -6.12 -26.64 -3.43
N LEU B 208 -5.92 -27.47 -2.41
CA LEU B 208 -6.52 -28.81 -2.32
C LEU B 208 -8.01 -28.87 -2.02
N GLY B 209 -8.46 -28.02 -1.09
CA GLY B 209 -9.87 -28.03 -0.71
C GLY B 209 -10.05 -28.74 0.63
N SER B 210 -9.09 -29.59 0.97
CA SER B 210 -9.09 -30.34 2.23
C SER B 210 -7.67 -30.83 2.44
N LEU B 211 -7.31 -31.10 3.68
CA LEU B 211 -5.97 -31.57 3.98
C LEU B 211 -6.01 -33.04 4.40
N PRO B 212 -4.97 -33.81 4.07
CA PRO B 212 -4.83 -35.24 4.39
C PRO B 212 -5.13 -35.70 5.83
N TRP B 213 -5.10 -34.79 6.79
CA TRP B 213 -5.37 -35.16 8.18
C TRP B 213 -6.76 -34.68 8.64
N GLN B 214 -7.47 -34.04 7.72
CA GLN B 214 -8.80 -33.50 7.97
C GLN B 214 -9.88 -34.52 7.64
N GLY B 215 -10.62 -34.95 8.66
CA GLY B 215 -11.69 -35.92 8.44
C GLY B 215 -11.46 -37.26 9.11
N LEU B 216 -10.44 -37.35 9.95
CA LEU B 216 -10.12 -38.58 10.67
C LEU B 216 -11.13 -38.80 11.79
N LYS B 217 -11.76 -39.96 11.79
CA LYS B 217 -12.74 -40.29 12.82
C LYS B 217 -12.07 -40.66 14.14
N ALA B 218 -12.53 -40.00 15.21
CA ALA B 218 -12.02 -40.23 16.56
C ALA B 218 -12.99 -39.60 17.56
N ALA B 219 -13.03 -40.16 18.76
CA ALA B 219 -13.93 -39.65 19.81
C ALA B 219 -13.18 -38.71 20.74
N THR B 220 -12.14 -39.23 21.37
CA THR B 220 -11.32 -38.45 22.31
C THR B 220 -10.53 -37.39 21.55
N LYS B 221 -10.49 -36.18 22.09
CA LYS B 221 -9.77 -35.08 21.45
C LYS B 221 -8.26 -35.34 21.34
N ARG B 222 -7.65 -35.83 22.41
CA ARG B 222 -6.22 -36.12 22.37
C ARG B 222 -6.00 -37.26 21.38
N GLN B 223 -7.00 -38.12 21.25
CA GLN B 223 -6.96 -39.25 20.33
C GLN B 223 -7.00 -38.61 18.93
N LYS B 224 -7.86 -37.62 18.76
CA LYS B 224 -8.01 -36.89 17.50
C LYS B 224 -6.64 -36.36 17.08
N TYR B 225 -6.05 -35.58 17.98
CA TYR B 225 -4.73 -34.98 17.76
C TYR B 225 -3.68 -36.02 17.40
N GLU B 226 -3.69 -37.12 18.13
CA GLU B 226 -2.75 -38.21 17.89
C GLU B 226 -2.86 -38.68 16.44
N ARG B 227 -4.10 -38.86 15.98
CA ARG B 227 -4.33 -39.31 14.60
C ARG B 227 -3.89 -38.26 13.59
N ILE B 228 -4.32 -37.01 13.80
CA ILE B 228 -3.97 -35.90 12.92
C ILE B 228 -2.46 -35.77 12.79
N SER B 229 -1.79 -35.79 13.93
CA SER B 229 -0.33 -35.70 13.97
C SER B 229 0.27 -36.82 13.16
N GLU B 230 -0.27 -38.02 13.30
CA GLU B 230 0.22 -39.18 12.58
C GLU B 230 0.15 -38.98 11.08
N LYS B 231 -1.05 -38.68 10.58
CA LYS B 231 -1.26 -38.48 9.16
C LYS B 231 -0.34 -37.37 8.64
N LYS B 232 -0.25 -36.28 9.39
CA LYS B 232 0.59 -35.15 9.02
C LYS B 232 2.04 -35.59 8.88
N MET B 233 2.61 -36.14 9.95
CA MET B 233 3.99 -36.62 9.95
C MET B 233 4.24 -37.69 8.89
N SER B 234 3.21 -38.47 8.58
CA SER B 234 3.31 -39.55 7.59
C SER B 234 2.98 -39.15 6.15
N THR B 235 2.63 -37.88 5.92
CA THR B 235 2.33 -37.41 4.57
C THR B 235 3.46 -36.54 4.02
N PRO B 236 4.26 -37.09 3.09
CA PRO B 236 5.39 -36.38 2.49
C PRO B 236 4.91 -35.10 1.81
N ILE B 237 5.69 -34.04 1.97
CA ILE B 237 5.34 -32.75 1.38
C ILE B 237 5.30 -32.90 -0.14
N GLU B 238 6.20 -33.71 -0.67
CA GLU B 238 6.27 -33.95 -2.11
C GLU B 238 4.94 -34.53 -2.58
N VAL B 239 4.37 -35.41 -1.76
CA VAL B 239 3.10 -36.04 -2.08
C VAL B 239 1.96 -35.04 -1.87
N LEU B 240 2.01 -34.36 -0.73
CA LEU B 240 1.01 -33.37 -0.34
C LEU B 240 0.76 -32.38 -1.45
N CYS B 241 1.84 -31.77 -1.91
CA CYS B 241 1.79 -30.75 -2.95
C CYS B 241 1.73 -31.35 -4.36
N LYS B 242 1.45 -32.64 -4.46
CA LYS B 242 1.39 -33.31 -5.75
C LYS B 242 0.54 -32.55 -6.75
N GLY B 243 1.14 -32.19 -7.88
CA GLY B 243 0.43 -31.50 -8.94
C GLY B 243 0.36 -29.99 -8.88
N TYR B 244 0.81 -29.41 -7.76
CA TYR B 244 0.79 -27.97 -7.61
C TYR B 244 2.18 -27.40 -7.80
N PRO B 245 2.27 -26.16 -8.26
CA PRO B 245 3.56 -25.51 -8.47
C PRO B 245 4.51 -25.74 -7.29
N SER B 246 5.64 -26.37 -7.60
CA SER B 246 6.67 -26.71 -6.63
C SER B 246 6.90 -25.69 -5.51
N GLU B 247 6.69 -24.42 -5.84
CA GLU B 247 6.87 -23.32 -4.90
C GLU B 247 6.29 -23.61 -3.53
N PHE B 248 5.10 -24.21 -3.51
CA PHE B 248 4.44 -24.55 -2.26
C PHE B 248 5.26 -25.57 -1.50
N ALA B 249 5.76 -26.58 -2.19
CA ALA B 249 6.59 -27.62 -1.58
C ALA B 249 7.88 -26.97 -1.08
N THR B 250 8.41 -26.05 -1.87
CA THR B 250 9.63 -25.34 -1.53
C THR B 250 9.41 -24.52 -0.25
N TYR B 251 8.24 -23.90 -0.15
CA TYR B 251 7.88 -23.09 1.01
C TYR B 251 7.84 -23.92 2.28
N LEU B 252 7.02 -24.97 2.29
CA LEU B 252 6.92 -25.82 3.47
C LEU B 252 8.27 -26.38 3.87
N ASN B 253 9.04 -26.82 2.88
CA ASN B 253 10.37 -27.37 3.14
C ASN B 253 11.24 -26.35 3.86
N PHE B 254 11.29 -25.13 3.32
CA PHE B 254 12.08 -24.06 3.91
C PHE B 254 11.67 -23.84 5.36
N CYS B 255 10.35 -23.77 5.58
CA CYS B 255 9.81 -23.56 6.91
C CYS B 255 10.17 -24.67 7.87
N ARG B 256 10.08 -25.91 7.41
CA ARG B 256 10.38 -27.06 8.25
C ARG B 256 11.86 -27.29 8.48
N SER B 257 12.70 -26.31 8.10
CA SER B 257 14.13 -26.47 8.27
C SER B 257 14.77 -25.33 9.04
N LEU B 258 14.02 -24.25 9.25
CA LEU B 258 14.54 -23.11 9.99
C LEU B 258 14.80 -23.57 11.42
N ARG B 259 15.93 -23.16 11.98
CA ARG B 259 16.26 -23.52 13.36
C ARG B 259 15.30 -22.74 14.26
N PHE B 260 15.07 -23.26 15.47
CA PHE B 260 14.17 -22.66 16.45
C PHE B 260 14.20 -21.13 16.50
N ASP B 261 15.40 -20.57 16.68
CA ASP B 261 15.56 -19.12 16.78
C ASP B 261 15.84 -18.41 15.46
N ASP B 262 15.67 -19.12 14.34
CA ASP B 262 15.92 -18.56 13.01
C ASP B 262 15.02 -17.39 12.67
N LYS B 263 15.60 -16.39 12.03
CA LYS B 263 14.84 -15.23 11.58
C LYS B 263 14.45 -15.57 10.15
N PRO B 264 13.17 -15.84 9.90
CA PRO B 264 12.73 -16.20 8.55
C PRO B 264 13.05 -15.11 7.54
N ASP B 265 13.31 -15.53 6.31
CA ASP B 265 13.57 -14.60 5.22
C ASP B 265 12.23 -14.50 4.49
N TYR B 266 11.39 -13.57 4.96
CA TYR B 266 10.06 -13.35 4.41
C TYR B 266 10.08 -12.90 2.96
N SER B 267 11.16 -12.24 2.54
CA SER B 267 11.28 -11.77 1.17
C SER B 267 11.45 -12.92 0.19
N TYR B 268 12.26 -13.90 0.57
CA TYR B 268 12.50 -15.06 -0.28
C TYR B 268 11.18 -15.80 -0.40
N LEU B 269 10.57 -16.09 0.74
CA LEU B 269 9.29 -16.77 0.74
C LEU B 269 8.26 -16.08 -0.16
N ARG B 270 8.28 -14.74 -0.18
CA ARG B 270 7.36 -13.98 -1.03
C ARG B 270 7.79 -13.95 -2.48
N GLN B 271 9.11 -13.94 -2.69
CA GLN B 271 9.71 -13.90 -4.03
C GLN B 271 9.32 -15.15 -4.82
N LEU B 272 9.17 -16.28 -4.14
CA LEU B 272 8.76 -17.53 -4.77
C LEU B 272 7.46 -17.30 -5.50
N PHE B 273 6.44 -16.91 -4.74
CA PHE B 273 5.11 -16.68 -5.27
C PHE B 273 5.04 -15.52 -6.26
N ARG B 274 5.77 -14.44 -6.01
CA ARG B 274 5.75 -13.32 -6.95
C ARG B 274 6.35 -13.75 -8.27
N ASN B 275 7.30 -14.68 -8.21
CA ASN B 275 7.93 -15.21 -9.42
C ASN B 275 6.96 -16.13 -10.13
N LEU B 276 6.19 -16.88 -9.35
CA LEU B 276 5.19 -17.79 -9.91
C LEU B 276 4.03 -16.99 -10.50
N PHE B 277 3.70 -15.87 -9.86
CA PHE B 277 2.61 -15.00 -10.32
C PHE B 277 3.04 -14.48 -11.67
N HIS B 278 4.32 -14.15 -11.77
CA HIS B 278 4.89 -13.63 -13.01
C HIS B 278 4.96 -14.63 -14.15
N ARG B 279 5.47 -15.84 -13.90
CA ARG B 279 5.59 -16.86 -14.94
C ARG B 279 4.24 -17.29 -15.50
N GLN B 280 3.19 -17.16 -14.69
CA GLN B 280 1.85 -17.52 -15.13
C GLN B 280 1.20 -16.40 -15.92
N GLY B 281 1.96 -15.33 -16.15
CA GLY B 281 1.44 -14.21 -16.91
C GLY B 281 0.30 -13.48 -16.23
N PHE B 282 0.20 -13.65 -14.92
CA PHE B 282 -0.86 -13.01 -14.15
C PHE B 282 -0.62 -11.50 -14.06
N SER B 283 -1.67 -10.75 -14.31
CA SER B 283 -1.60 -9.29 -14.26
C SER B 283 -2.11 -8.81 -12.91
N TYR B 284 -1.68 -7.63 -12.50
CA TYR B 284 -2.06 -7.07 -11.22
C TYR B 284 -3.37 -6.30 -11.17
N ASP B 285 -4.45 -7.05 -11.03
CA ASP B 285 -5.78 -6.49 -10.91
C ASP B 285 -6.28 -6.94 -9.55
N TYR B 286 -7.13 -6.14 -8.91
CA TYR B 286 -7.64 -6.54 -7.61
C TYR B 286 -9.03 -7.17 -7.71
N VAL B 287 -9.13 -8.12 -8.63
CA VAL B 287 -10.37 -8.86 -8.86
C VAL B 287 -10.05 -10.26 -8.39
N PHE B 288 -10.85 -10.78 -7.46
CA PHE B 288 -10.61 -12.11 -6.92
C PHE B 288 -11.65 -13.12 -7.36
N ASP B 289 -11.43 -14.38 -6.98
CA ASP B 289 -12.35 -15.46 -7.31
C ASP B 289 -13.77 -15.06 -7.01
N TRP B 290 -14.02 -14.67 -5.77
CA TRP B 290 -15.34 -14.27 -5.33
C TRP B 290 -15.98 -13.17 -6.15
N ASN B 291 -15.16 -12.41 -6.88
CA ASN B 291 -15.66 -11.32 -7.72
C ASN B 291 -16.16 -11.79 -9.10
N MET B 292 -15.86 -13.04 -9.44
CA MET B 292 -16.28 -13.59 -10.72
C MET B 292 -17.56 -14.39 -10.58
N LEU B 293 -18.11 -14.43 -9.37
CA LEU B 293 -19.34 -15.18 -9.10
C LEU B 293 -20.60 -14.33 -9.23
#